data_6NE6
#
_entry.id   6NE6
#
_cell.length_a   60.690
_cell.length_b   68.310
_cell.length_c   79.570
_cell.angle_alpha   90.000
_cell.angle_beta   90.000
_cell.angle_gamma   90.000
#
_symmetry.space_group_name_H-M   'P 21 21 21'
#
loop_
_entity.id
_entity.type
_entity.pdbx_description
1 polymer 'G-protein alpha subunit Galpha7'
2 non-polymer 'SODIUM ION'
3 non-polymer 1,2-ETHANEDIOL
4 water water
#
_entity_poly.entity_id   1
_entity_poly.type   'polypeptide(L)'
_entity_poly.pdbx_seq_one_letter_code
;MAHHHHHHMKKILLVGAGDSGKSTIFKQMRLIYNNGFTTEEKTKIKPMIYENILRNMMVLIQATKSLNLPISTEENRQRA
EKIEGLEQKILLTTDKVWDSNLAQDIAELWKEPAILQAMARRNEFQIEDSASYYFDNLDRIGKDDYMPSEEDVVRARIKT
TGLIEQPFTFKNLPFCMIDVGGQRTERKKWIHHFQGVDSILFVCSLSEFDQKCYEDDSTNRMKESLSLFGDYINSKWFAD
TLVYLLLNKHDLFVSKIKNGSRLADTFEEYKGPENDPDAAKEFIKDMYKEKDTENRLRDVFFVTALDKANLKERLEQITS
DILSAENDL
;
_entity_poly.pdbx_strand_id   A
#
loop_
_chem_comp.id
_chem_comp.type
_chem_comp.name
_chem_comp.formula
EDO non-polymer 1,2-ETHANEDIOL 'C2 H6 O2'
NA non-polymer 'SODIUM ION' 'Na 1'
#
# COMPACT_ATOMS: atom_id res chain seq x y z
N HIS A 3 28.31 31.52 -9.91
CA HIS A 3 26.93 31.66 -10.37
C HIS A 3 26.03 30.58 -9.77
N HIS A 4 24.73 30.70 -10.04
CA HIS A 4 23.78 29.66 -9.65
C HIS A 4 24.14 28.34 -10.33
N HIS A 5 24.09 27.25 -9.55
CA HIS A 5 24.51 25.94 -10.06
C HIS A 5 24.04 24.87 -9.10
N HIS A 6 24.14 23.61 -9.55
CA HIS A 6 23.74 22.46 -8.75
C HIS A 6 24.88 21.45 -8.68
N HIS A 7 24.74 20.53 -7.73
CA HIS A 7 25.57 19.34 -7.64
C HIS A 7 24.69 18.11 -7.76
N HIS A 8 25.18 17.09 -8.47
CA HIS A 8 24.28 16.02 -8.91
C HIS A 8 23.57 15.36 -7.74
N MET A 9 22.25 15.35 -7.81
CA MET A 9 21.42 14.65 -6.83
C MET A 9 21.02 13.29 -7.40
N LYS A 10 21.20 12.23 -6.62
CA LYS A 10 20.84 10.89 -7.06
C LYS A 10 19.37 10.64 -6.77
N LYS A 11 18.55 10.58 -7.82
CA LYS A 11 17.11 10.46 -7.65
C LYS A 11 16.70 9.00 -7.76
N ILE A 12 15.82 8.59 -6.83
CA ILE A 12 15.35 7.23 -6.70
C ILE A 12 13.86 7.25 -6.93
N LEU A 13 13.41 6.56 -7.99
CA LEU A 13 12.01 6.59 -8.40
C LEU A 13 11.29 5.37 -7.86
N LEU A 14 10.16 5.60 -7.19
CA LEU A 14 9.29 4.51 -6.74
C LEU A 14 8.37 4.11 -7.88
N VAL A 15 8.32 2.81 -8.18
CA VAL A 15 7.51 2.25 -9.25
C VAL A 15 6.75 1.06 -8.67
N GLY A 16 5.46 0.97 -8.96
CA GLY A 16 4.68 -0.17 -8.49
C GLY A 16 3.20 0.07 -8.67
N ALA A 17 2.43 -0.99 -8.40
CA ALA A 17 0.99 -0.92 -8.50
C ALA A 17 0.39 -0.06 -7.38
N GLY A 18 -0.91 0.19 -7.49
CA GLY A 18 -1.60 1.09 -6.58
C GLY A 18 -1.74 0.57 -5.17
N ASP A 19 -1.66 -0.76 -4.97
CA ASP A 19 -1.67 -1.37 -3.64
C ASP A 19 -0.38 -2.15 -3.39
N SER A 20 0.73 -1.68 -3.97
CA SER A 20 2.05 -2.25 -3.69
C SER A 20 2.63 -1.78 -2.37
N GLY A 21 2.12 -0.68 -1.82
CA GLY A 21 2.71 -0.06 -0.66
C GLY A 21 3.80 0.93 -0.98
N LYS A 22 4.02 1.25 -2.26
CA LYS A 22 5.07 2.21 -2.56
C LYS A 22 4.79 3.56 -1.92
N SER A 23 3.51 3.97 -1.80
CA SER A 23 3.22 5.23 -1.13
C SER A 23 3.52 5.18 0.36
N THR A 24 3.41 3.99 0.98
CA THR A 24 3.83 3.83 2.37
C THR A 24 5.31 4.14 2.53
N ILE A 25 6.13 3.64 1.59
CA ILE A 25 7.56 3.92 1.61
C ILE A 25 7.81 5.42 1.57
N PHE A 26 7.11 6.12 0.67
CA PHE A 26 7.34 7.56 0.54
C PHE A 26 6.94 8.29 1.82
N LYS A 27 5.78 7.94 2.37
CA LYS A 27 5.33 8.64 3.58
C LYS A 27 6.24 8.36 4.76
N GLN A 28 6.76 7.14 4.87
CA GLN A 28 7.72 6.85 5.92
C GLN A 28 9.00 7.64 5.73
N MET A 29 9.44 7.80 4.48
CA MET A 29 10.63 8.61 4.21
C MET A 29 10.41 10.05 4.63
N ARG A 30 9.22 10.60 4.38
CA ARG A 30 8.90 11.93 4.88
C ARG A 30 9.11 12.00 6.39
N LEU A 31 8.64 10.98 7.12
CA LEU A 31 8.76 11.00 8.58
C LEU A 31 10.21 10.84 9.00
N ILE A 32 10.96 9.98 8.32
CA ILE A 32 12.36 9.74 8.69
C ILE A 32 13.17 11.03 8.57
N TYR A 33 12.83 11.88 7.60
CA TYR A 33 13.58 13.10 7.33
C TYR A 33 12.84 14.35 7.77
N ASN A 34 12.04 14.24 8.83
CA ASN A 34 11.51 15.42 9.53
C ASN A 34 10.65 16.28 8.62
N ASN A 35 9.89 15.62 7.75
CA ASN A 35 9.02 16.31 6.81
C ASN A 35 7.60 15.78 6.96
N GLY A 36 7.13 15.78 8.21
CA GLY A 36 5.89 15.13 8.58
C GLY A 36 4.65 15.92 8.19
N PHE A 37 3.51 15.41 8.63
CA PHE A 37 2.23 15.91 8.13
C PHE A 37 1.79 17.14 8.89
N THR A 38 1.44 18.17 8.13
CA THR A 38 1.04 19.44 8.70
C THR A 38 -0.42 19.39 9.14
N THR A 39 -0.83 20.42 9.90
CA THR A 39 -2.23 20.50 10.31
C THR A 39 -3.16 20.59 9.10
N GLU A 40 -2.76 21.37 8.09
CA GLU A 40 -3.57 21.44 6.87
C GLU A 40 -3.68 20.09 6.20
N GLU A 41 -2.55 19.38 6.05
CA GLU A 41 -2.59 18.05 5.42
C GLU A 41 -3.51 17.10 6.18
N LYS A 42 -3.39 17.08 7.52
CA LYS A 42 -4.24 16.21 8.33
C LYS A 42 -5.71 16.57 8.19
N THR A 43 -6.00 17.87 8.17
CA THR A 43 -7.38 18.34 7.99
C THR A 43 -7.94 17.86 6.65
N LYS A 44 -7.13 17.92 5.60
CA LYS A 44 -7.62 17.55 4.28
C LYS A 44 -7.79 16.04 4.15
N ILE A 45 -6.94 15.26 4.83
CA ILE A 45 -6.99 13.81 4.71
C ILE A 45 -8.09 13.22 5.59
N LYS A 46 -8.56 13.96 6.60
CA LYS A 46 -9.56 13.45 7.53
C LYS A 46 -10.80 12.87 6.85
N PRO A 47 -11.49 13.58 5.93
CA PRO A 47 -12.65 12.95 5.29
C PRO A 47 -12.30 11.76 4.44
N MET A 48 -11.06 11.70 3.90
CA MET A 48 -10.65 10.54 3.13
C MET A 48 -10.50 9.31 4.01
N ILE A 49 -10.04 9.52 5.26
CA ILE A 49 -10.01 8.44 6.25
CA ILE A 49 -10.00 8.41 6.20
C ILE A 49 -11.42 7.93 6.52
N TYR A 50 -12.34 8.87 6.79
CA TYR A 50 -13.75 8.50 6.99
C TYR A 50 -14.27 7.67 5.82
N GLU A 51 -13.99 8.11 4.58
CA GLU A 51 -14.51 7.39 3.41
C GLU A 51 -13.87 6.01 3.28
N ASN A 52 -12.59 5.91 3.64
CA ASN A 52 -11.94 4.61 3.70
CA ASN A 52 -11.92 4.61 3.73
C ASN A 52 -12.69 3.67 4.64
N ILE A 53 -12.95 4.13 5.86
CA ILE A 53 -13.61 3.29 6.85
C ILE A 53 -14.99 2.87 6.37
N LEU A 54 -15.74 3.82 5.82
CA LEU A 54 -17.09 3.53 5.33
C LEU A 54 -17.04 2.51 4.20
N ARG A 55 -16.09 2.66 3.27
CA ARG A 55 -16.00 1.73 2.16
C ARG A 55 -15.64 0.33 2.64
N ASN A 56 -14.70 0.23 3.58
CA ASN A 56 -14.32 -1.09 4.09
C ASN A 56 -15.50 -1.79 4.72
N MET A 57 -16.30 -1.06 5.52
CA MET A 57 -17.48 -1.69 6.12
C MET A 57 -18.49 -2.08 5.06
N MET A 58 -18.64 -1.26 4.00
CA MET A 58 -19.55 -1.62 2.92
CA MET A 58 -19.56 -1.62 2.93
C MET A 58 -19.13 -2.92 2.25
N VAL A 59 -17.83 -3.06 2.00
CA VAL A 59 -17.32 -4.28 1.37
C VAL A 59 -17.62 -5.49 2.25
N LEU A 60 -17.40 -5.34 3.57
CA LEU A 60 -17.72 -6.43 4.49
C LEU A 60 -19.20 -6.78 4.47
N ILE A 61 -20.07 -5.76 4.43
CA ILE A 61 -21.51 -6.03 4.36
C ILE A 61 -21.83 -6.82 3.10
N GLN A 62 -21.32 -6.36 1.95
CA GLN A 62 -21.55 -7.09 0.71
CA GLN A 62 -21.61 -7.11 0.74
C GLN A 62 -21.02 -8.52 0.79
N ALA A 63 -19.87 -8.67 1.46
CA ALA A 63 -19.27 -10.00 1.60
C ALA A 63 -20.18 -10.94 2.38
N THR A 64 -20.86 -10.44 3.43
CA THR A 64 -21.77 -11.34 4.16
C THR A 64 -22.90 -11.81 3.26
N LYS A 65 -23.31 -10.95 2.32
CA LYS A 65 -24.34 -11.36 1.38
C LYS A 65 -23.82 -12.41 0.40
N SER A 66 -22.60 -12.22 -0.11
CA SER A 66 -22.00 -13.21 -1.01
CA SER A 66 -22.06 -13.22 -1.03
C SER A 66 -21.78 -14.55 -0.31
N LEU A 67 -21.39 -14.50 0.96
CA LEU A 67 -21.15 -15.71 1.74
C LEU A 67 -22.43 -16.33 2.30
N ASN A 68 -23.59 -15.70 2.06
CA ASN A 68 -24.86 -16.19 2.58
C ASN A 68 -24.84 -16.30 4.11
N LEU A 69 -24.31 -15.27 4.76
CA LEU A 69 -24.21 -15.22 6.22
C LEU A 69 -25.20 -14.20 6.75
N PRO A 70 -26.33 -14.62 7.31
CA PRO A 70 -27.31 -13.65 7.81
C PRO A 70 -26.77 -12.87 9.00
N ILE A 71 -27.14 -11.59 9.04
CA ILE A 71 -26.77 -10.73 10.17
CA ILE A 71 -26.74 -10.77 10.17
C ILE A 71 -27.57 -11.15 11.39
N SER A 72 -26.94 -11.08 12.57
CA SER A 72 -27.52 -11.73 13.76
C SER A 72 -28.84 -11.11 14.21
N THR A 73 -29.02 -9.80 14.05
CA THR A 73 -30.18 -9.10 14.61
C THR A 73 -30.75 -8.16 13.57
N GLU A 74 -32.05 -7.85 13.73
CA GLU A 74 -32.67 -6.87 12.86
C GLU A 74 -32.03 -5.51 13.03
N GLU A 75 -31.64 -5.17 14.27
CA GLU A 75 -30.96 -3.90 14.50
C GLU A 75 -29.68 -3.78 13.68
N ASN A 76 -28.83 -4.81 13.68
CA ASN A 76 -27.61 -4.74 12.89
C ASN A 76 -27.89 -4.85 11.39
N ARG A 77 -28.98 -5.54 11.01
CA ARG A 77 -29.33 -5.58 9.60
C ARG A 77 -29.72 -4.19 9.10
N GLN A 78 -30.49 -3.46 9.89
CA GLN A 78 -30.91 -2.12 9.47
C GLN A 78 -29.72 -1.17 9.49
N ARG A 79 -28.81 -1.36 10.45
CA ARG A 79 -27.58 -0.60 10.51
C ARG A 79 -26.73 -0.85 9.28
N ALA A 80 -26.65 -2.10 8.84
CA ALA A 80 -25.91 -2.42 7.63
C ALA A 80 -26.54 -1.78 6.41
N GLU A 81 -27.88 -1.80 6.33
CA GLU A 81 -28.57 -1.14 5.22
C GLU A 81 -28.29 0.36 5.21
N LYS A 82 -28.26 0.99 6.38
CA LYS A 82 -27.94 2.41 6.46
C LYS A 82 -26.54 2.69 5.90
N ILE A 83 -25.56 1.86 6.31
CA ILE A 83 -24.18 2.04 5.86
CA ILE A 83 -24.20 2.09 5.86
C ILE A 83 -24.08 1.87 4.35
N GLU A 84 -24.73 0.83 3.83
CA GLU A 84 -24.78 0.61 2.39
C GLU A 84 -25.26 1.83 1.65
N GLY A 85 -26.37 2.41 2.11
CA GLY A 85 -26.91 3.60 1.45
C GLY A 85 -25.95 4.77 1.49
N LEU A 86 -25.28 4.97 2.63
CA LEU A 86 -24.37 6.10 2.75
C LEU A 86 -23.14 5.90 1.89
N GLU A 87 -22.60 4.68 1.84
CA GLU A 87 -21.44 4.43 0.98
CA GLU A 87 -21.44 4.43 0.98
C GLU A 87 -21.79 4.63 -0.48
N GLN A 88 -22.98 4.17 -0.90
CA GLN A 88 -23.41 4.35 -2.29
C GLN A 88 -23.65 5.82 -2.64
N LYS A 89 -23.78 6.69 -1.65
CA LYS A 89 -23.95 8.12 -1.90
C LYS A 89 -22.64 8.89 -1.97
N ILE A 90 -21.52 8.29 -1.54
CA ILE A 90 -20.30 9.07 -1.27
C ILE A 90 -19.82 9.80 -2.52
N LEU A 91 -19.78 9.10 -3.65
CA LEU A 91 -19.29 9.72 -4.88
C LEU A 91 -20.33 10.64 -5.54
N LEU A 92 -21.53 10.73 -4.98
CA LEU A 92 -22.62 11.51 -5.56
C LEU A 92 -23.08 12.64 -4.64
N THR A 93 -22.21 13.10 -3.74
CA THR A 93 -22.57 14.21 -2.87
C THR A 93 -21.32 14.96 -2.43
N THR A 94 -21.52 16.20 -2.00
CA THR A 94 -20.47 16.97 -1.33
C THR A 94 -20.69 17.08 0.17
N ASP A 95 -21.81 16.56 0.66
CA ASP A 95 -22.12 16.65 2.09
C ASP A 95 -21.13 15.87 2.92
N LYS A 96 -20.99 16.30 4.18
CA LYS A 96 -20.26 15.52 5.17
C LYS A 96 -21.19 14.41 5.66
N VAL A 97 -20.83 13.17 5.34
CA VAL A 97 -21.64 12.02 5.74
C VAL A 97 -21.24 11.51 7.13
N TRP A 98 -19.98 11.64 7.50
CA TRP A 98 -19.52 11.12 8.78
C TRP A 98 -19.99 12.01 9.93
N ASP A 99 -20.60 11.37 10.93
CA ASP A 99 -20.85 12.01 12.20
C ASP A 99 -20.68 10.98 13.30
N SER A 100 -20.93 11.40 14.55
CA SER A 100 -20.75 10.51 15.68
CA SER A 100 -20.75 10.51 15.68
C SER A 100 -21.71 9.31 15.59
N ASN A 101 -22.92 9.53 15.09
CA ASN A 101 -23.88 8.43 14.92
C ASN A 101 -23.31 7.36 13.99
N LEU A 102 -22.73 7.77 12.87
CA LEU A 102 -22.20 6.82 11.91
C LEU A 102 -21.00 6.07 12.49
N ALA A 103 -20.11 6.79 13.16
CA ALA A 103 -18.97 6.15 13.80
C ALA A 103 -19.45 5.08 14.78
N GLN A 104 -20.47 5.40 15.57
CA GLN A 104 -20.99 4.42 16.52
C GLN A 104 -21.62 3.23 15.79
N ASP A 105 -22.31 3.49 14.67
CA ASP A 105 -22.90 2.40 13.89
C ASP A 105 -21.83 1.48 13.31
N ILE A 106 -20.76 2.05 12.78
CA ILE A 106 -19.72 1.20 12.19
C ILE A 106 -19.03 0.38 13.29
N ALA A 107 -18.76 1.00 14.44
CA ALA A 107 -18.15 0.27 15.55
C ALA A 107 -19.05 -0.86 16.04
N GLU A 108 -20.37 -0.62 16.07
CA GLU A 108 -21.27 -1.70 16.47
C GLU A 108 -21.26 -2.81 15.44
N LEU A 109 -21.29 -2.48 14.14
CA LEU A 109 -21.24 -3.51 13.11
C LEU A 109 -19.92 -4.28 13.11
N TRP A 110 -18.83 -3.63 13.54
CA TRP A 110 -17.57 -4.35 13.61
C TRP A 110 -17.59 -5.48 14.64
N LYS A 111 -18.61 -5.53 15.51
CA LYS A 111 -18.81 -6.63 16.44
C LYS A 111 -19.72 -7.74 15.90
N GLU A 112 -20.33 -7.53 14.74
CA GLU A 112 -21.33 -8.47 14.22
C GLU A 112 -20.65 -9.75 13.73
N PRO A 113 -21.08 -10.92 14.20
CA PRO A 113 -20.36 -12.15 13.80
C PRO A 113 -20.31 -12.39 12.30
N ALA A 114 -21.38 -12.06 11.55
CA ALA A 114 -21.32 -12.23 10.10
C ALA A 114 -20.23 -11.37 9.49
N ILE A 115 -20.11 -10.12 9.95
CA ILE A 115 -19.05 -9.23 9.48
C ILE A 115 -17.68 -9.82 9.78
N LEU A 116 -17.49 -10.32 10.99
CA LEU A 116 -16.18 -10.86 11.36
C LEU A 116 -15.85 -12.15 10.61
N GLN A 117 -16.87 -12.93 10.25
CA GLN A 117 -16.63 -14.10 9.41
C GLN A 117 -16.18 -13.68 8.02
N ALA A 118 -16.78 -12.62 7.49
CA ALA A 118 -16.33 -12.09 6.21
C ALA A 118 -14.90 -11.56 6.33
N MET A 119 -14.60 -10.89 7.44
CA MET A 119 -13.25 -10.35 7.64
C MET A 119 -12.21 -11.47 7.73
N ALA A 120 -12.58 -12.62 8.29
CA ALA A 120 -11.65 -13.75 8.33
C ALA A 120 -11.30 -14.24 6.93
N ARG A 121 -12.16 -13.97 5.97
CA ARG A 121 -11.92 -14.32 4.58
C ARG A 121 -11.58 -13.08 3.74
N ARG A 122 -10.92 -12.09 4.37
CA ARG A 122 -10.76 -10.80 3.72
C ARG A 122 -9.91 -10.85 2.46
N ASN A 123 -9.01 -11.83 2.33
CA ASN A 123 -8.22 -11.96 1.11
C ASN A 123 -9.10 -12.18 -0.11
N GLU A 124 -10.32 -12.68 0.09
CA GLU A 124 -11.24 -12.97 -1.00
C GLU A 124 -11.98 -11.73 -1.49
N PHE A 125 -11.86 -10.61 -0.77
CA PHE A 125 -12.63 -9.41 -1.01
C PHE A 125 -11.71 -8.20 -1.12
N GLN A 126 -12.29 -7.08 -1.55
CA GLN A 126 -11.52 -5.88 -1.84
C GLN A 126 -11.54 -4.94 -0.64
N ILE A 127 -10.78 -5.36 0.38
CA ILE A 127 -10.72 -4.71 1.69
C ILE A 127 -9.30 -4.17 1.87
N GLU A 128 -9.19 -2.89 2.25
CA GLU A 128 -7.88 -2.29 2.42
C GLU A 128 -7.09 -3.03 3.50
N ASP A 129 -5.76 -3.05 3.35
CA ASP A 129 -4.91 -3.66 4.37
C ASP A 129 -5.15 -3.04 5.75
N SER A 130 -5.40 -1.73 5.80
CA SER A 130 -5.54 -0.99 7.04
C SER A 130 -6.94 -1.06 7.64
N ALA A 131 -7.84 -1.87 7.08
CA ALA A 131 -9.24 -1.82 7.53
C ALA A 131 -9.37 -2.13 9.02
N SER A 132 -8.74 -3.21 9.50
CA SER A 132 -8.86 -3.58 10.91
CA SER A 132 -8.91 -3.54 10.91
C SER A 132 -8.29 -2.49 11.82
N TYR A 133 -7.18 -1.90 11.40
CA TYR A 133 -6.56 -0.82 12.17
C TYR A 133 -7.56 0.31 12.40
N TYR A 134 -8.21 0.77 11.34
CA TYR A 134 -9.12 1.90 11.53
C TYR A 134 -10.33 1.48 12.37
N PHE A 135 -10.89 0.29 12.11
CA PHE A 135 -12.04 -0.15 12.88
C PHE A 135 -11.69 -0.29 14.37
N ASP A 136 -10.50 -0.81 14.66
CA ASP A 136 -10.13 -1.02 16.06
C ASP A 136 -9.82 0.28 16.77
N ASN A 137 -9.56 1.36 16.04
CA ASN A 137 -9.27 2.66 16.64
C ASN A 137 -10.44 3.64 16.54
N LEU A 138 -11.66 3.13 16.38
CA LEU A 138 -12.80 4.03 16.20
C LEU A 138 -13.13 4.84 17.45
N ASP A 139 -12.70 4.41 18.64
CA ASP A 139 -12.93 5.24 19.82
C ASP A 139 -12.26 6.59 19.68
N ARG A 140 -11.05 6.62 19.12
CA ARG A 140 -10.34 7.86 18.86
C ARG A 140 -10.81 8.52 17.56
N ILE A 141 -10.96 7.73 16.49
CA ILE A 141 -11.24 8.29 15.17
C ILE A 141 -12.67 8.82 15.07
N GLY A 142 -13.60 8.23 15.82
CA GLY A 142 -14.99 8.65 15.81
C GLY A 142 -15.32 9.87 16.63
N LYS A 143 -14.35 10.40 17.36
CA LYS A 143 -14.59 11.57 18.19
C LYS A 143 -14.86 12.81 17.32
N ASP A 144 -15.71 13.70 17.83
CA ASP A 144 -15.95 14.97 17.15
C ASP A 144 -14.66 15.77 16.99
N ASP A 145 -13.71 15.64 17.92
CA ASP A 145 -12.47 16.40 17.89
C ASP A 145 -11.36 15.72 17.09
N TYR A 146 -11.70 14.71 16.28
CA TYR A 146 -10.68 13.87 15.65
C TYR A 146 -9.80 14.66 14.69
N MET A 147 -8.49 14.44 14.81
CA MET A 147 -7.50 14.92 13.86
C MET A 147 -6.60 13.73 13.57
N PRO A 148 -6.47 13.31 12.31
CA PRO A 148 -5.65 12.14 11.97
C PRO A 148 -4.27 12.17 12.61
N SER A 149 -3.87 11.02 13.15
CA SER A 149 -2.53 10.84 13.66
C SER A 149 -1.57 10.57 12.51
N GLU A 150 -0.28 10.69 12.84
CA GLU A 150 0.78 10.29 11.92
C GLU A 150 0.54 8.89 11.36
N GLU A 151 0.27 7.92 12.24
CA GLU A 151 0.07 6.56 11.78
C GLU A 151 -1.20 6.43 10.93
N ASP A 152 -2.25 7.17 11.30
CA ASP A 152 -3.46 7.19 10.47
C ASP A 152 -3.14 7.56 9.02
N VAL A 153 -2.27 8.56 8.83
CA VAL A 153 -1.97 9.04 7.48
C VAL A 153 -1.11 8.03 6.72
N VAL A 154 -0.11 7.47 7.39
CA VAL A 154 0.76 6.47 6.77
C VAL A 154 -0.06 5.29 6.26
N ARG A 155 -1.09 4.91 7.02
CA ARG A 155 -1.90 3.75 6.65
C ARG A 155 -2.99 4.05 5.63
N ALA A 156 -3.22 5.31 5.28
CA ALA A 156 -4.28 5.68 4.35
C ALA A 156 -3.74 5.63 2.92
N ARG A 157 -4.33 4.78 2.09
CA ARG A 157 -3.86 4.59 0.71
C ARG A 157 -4.48 5.67 -0.16
N ILE A 158 -3.76 6.78 -0.32
CA ILE A 158 -4.21 7.92 -1.13
CA ILE A 158 -4.21 7.91 -1.13
C ILE A 158 -3.36 7.96 -2.41
N LYS A 159 -4.03 7.99 -3.55
CA LYS A 159 -3.34 7.90 -4.84
C LYS A 159 -2.61 9.20 -5.16
N THR A 160 -1.35 9.06 -5.56
CA THR A 160 -0.54 10.21 -5.96
C THR A 160 -0.95 10.64 -7.36
N THR A 161 -1.27 11.94 -7.51
CA THR A 161 -1.71 12.48 -8.78
C THR A 161 -0.82 13.60 -9.29
N GLY A 162 0.29 13.88 -8.61
CA GLY A 162 1.25 14.86 -9.06
C GLY A 162 2.64 14.36 -8.74
N LEU A 163 3.60 15.28 -8.63
CA LEU A 163 4.97 14.95 -8.26
C LEU A 163 5.18 15.22 -6.78
N ILE A 164 5.80 14.27 -6.08
CA ILE A 164 6.31 14.52 -4.74
C ILE A 164 7.72 13.94 -4.64
N GLU A 165 8.58 14.69 -3.99
CA GLU A 165 9.98 14.37 -3.84
C GLU A 165 10.37 14.53 -2.37
N GLN A 166 11.16 13.61 -1.87
CA GLN A 166 11.75 13.73 -0.53
C GLN A 166 13.27 13.73 -0.67
N PRO A 167 13.92 14.88 -0.61
CA PRO A 167 15.38 14.91 -0.68
C PRO A 167 15.99 14.60 0.67
N PHE A 168 17.23 14.12 0.61
CA PHE A 168 17.96 13.78 1.82
C PHE A 168 19.43 13.65 1.47
N THR A 169 20.26 13.65 2.50
CA THR A 169 21.69 13.48 2.34
C THR A 169 22.08 12.17 3.01
N PHE A 170 22.89 11.38 2.32
CA PHE A 170 23.38 10.11 2.83
C PHE A 170 24.85 10.00 2.51
N LYS A 171 25.66 9.68 3.53
CA LYS A 171 27.11 9.69 3.42
C LYS A 171 27.60 10.94 2.70
N ASN A 172 27.08 12.09 3.13
CA ASN A 172 27.46 13.41 2.62
C ASN A 172 27.19 13.60 1.13
N LEU A 173 26.23 12.86 0.57
CA LEU A 173 25.86 13.04 -0.83
C LEU A 173 24.36 13.20 -0.95
N PRO A 174 23.90 14.03 -1.91
CA PRO A 174 22.48 14.31 -2.02
C PRO A 174 21.72 13.27 -2.82
N PHE A 175 20.55 12.94 -2.30
CA PHE A 175 19.61 11.98 -2.88
C PHE A 175 18.21 12.57 -2.86
N CYS A 176 17.31 11.91 -3.59
CA CYS A 176 15.89 12.24 -3.48
CA CYS A 176 15.91 12.17 -3.30
C CYS A 176 15.10 10.96 -3.76
N MET A 177 13.99 10.76 -3.06
CA MET A 177 13.02 9.74 -3.42
CA MET A 177 13.04 9.74 -3.46
C MET A 177 11.83 10.40 -4.11
N ILE A 178 11.37 9.80 -5.22
CA ILE A 178 10.30 10.34 -6.04
C ILE A 178 9.09 9.40 -6.02
N ASP A 179 7.91 9.97 -5.84
CA ASP A 179 6.65 9.28 -6.14
C ASP A 179 5.84 10.26 -6.98
N VAL A 180 5.44 9.83 -8.17
N VAL A 180 5.45 9.84 -8.18
CA VAL A 180 4.75 10.72 -9.09
CA VAL A 180 4.84 10.76 -9.14
C VAL A 180 3.44 10.06 -9.52
C VAL A 180 3.71 10.06 -9.89
N GLY A 181 2.64 10.82 -10.25
N GLY A 181 2.58 10.76 -10.03
CA GLY A 181 1.39 10.31 -10.78
CA GLY A 181 1.46 10.27 -10.82
C GLY A 181 0.65 11.41 -11.50
C GLY A 181 0.68 11.37 -11.52
N GLY A 182 -0.45 11.01 -12.14
CA GLY A 182 -1.30 11.99 -12.79
C GLY A 182 -0.68 12.60 -14.03
N GLN A 183 -1.16 13.81 -14.34
CA GLN A 183 -0.72 14.54 -15.52
C GLN A 183 0.75 14.92 -15.40
N ARG A 184 1.31 15.36 -16.54
CA ARG A 184 2.73 15.73 -16.59
C ARG A 184 3.00 16.92 -15.67
N THR A 185 3.93 16.74 -14.74
CA THR A 185 4.35 17.82 -13.85
C THR A 185 5.49 18.60 -14.51
N GLU A 186 5.35 19.93 -14.54
CA GLU A 186 6.33 20.76 -15.20
C GLU A 186 7.70 20.58 -14.57
N ARG A 187 8.75 20.78 -15.39
CA ARG A 187 10.11 20.51 -14.92
C ARG A 187 10.53 21.47 -13.82
N LYS A 188 10.04 22.71 -13.85
CA LYS A 188 10.42 23.69 -12.84
C LYS A 188 10.05 23.25 -11.42
N LYS A 189 9.08 22.34 -11.27
CA LYS A 189 8.66 21.90 -9.95
C LYS A 189 9.57 20.82 -9.36
N TRP A 190 10.41 20.20 -10.18
CA TRP A 190 11.32 19.18 -9.68
C TRP A 190 12.52 19.83 -9.01
N ILE A 191 13.03 19.16 -7.98
CA ILE A 191 14.28 19.61 -7.35
C ILE A 191 15.37 19.64 -8.42
N HIS A 192 16.13 20.74 -8.47
CA HIS A 192 17.13 20.98 -9.51
CA HIS A 192 17.13 21.00 -9.51
C HIS A 192 16.53 21.06 -10.91
N HIS A 193 15.20 21.23 -11.01
CA HIS A 193 14.46 21.23 -12.28
C HIS A 193 15.01 20.16 -13.23
N PHE A 194 15.07 18.94 -12.71
CA PHE A 194 15.77 17.82 -13.32
C PHE A 194 14.98 16.56 -13.04
N GLN A 195 14.71 15.77 -14.08
CA GLN A 195 13.88 14.58 -13.95
C GLN A 195 14.65 13.27 -14.14
N GLY A 196 15.97 13.32 -14.32
CA GLY A 196 16.71 12.09 -14.52
C GLY A 196 16.69 11.20 -13.30
N VAL A 197 16.66 9.89 -13.53
CA VAL A 197 16.47 8.90 -12.48
C VAL A 197 17.73 8.05 -12.37
N ASP A 198 18.33 8.02 -11.18
CA ASP A 198 19.53 7.22 -10.98
C ASP A 198 19.22 5.77 -10.61
N SER A 199 18.11 5.54 -9.91
CA SER A 199 17.75 4.19 -9.46
CA SER A 199 17.74 4.19 -9.52
C SER A 199 16.23 4.08 -9.43
N ILE A 200 15.74 2.87 -9.65
CA ILE A 200 14.31 2.56 -9.58
C ILE A 200 14.13 1.53 -8.48
N LEU A 201 13.16 1.76 -7.60
CA LEU A 201 12.71 0.76 -6.63
C LEU A 201 11.38 0.24 -7.15
N PHE A 202 11.41 -0.97 -7.70
CA PHE A 202 10.20 -1.62 -8.20
C PHE A 202 9.56 -2.34 -7.03
N VAL A 203 8.39 -1.88 -6.61
CA VAL A 203 7.78 -2.36 -5.36
C VAL A 203 6.64 -3.32 -5.69
N CYS A 204 6.71 -4.53 -5.12
CA CYS A 204 5.68 -5.55 -5.30
C CYS A 204 5.24 -6.04 -3.94
N SER A 205 3.95 -6.34 -3.81
CA SER A 205 3.45 -6.84 -2.54
C SER A 205 3.72 -8.33 -2.40
N LEU A 206 4.37 -8.73 -1.30
CA LEU A 206 4.51 -10.14 -0.97
C LEU A 206 3.19 -10.72 -0.48
N SER A 207 2.33 -9.90 0.11
CA SER A 207 1.16 -10.43 0.78
C SER A 207 -0.01 -10.68 -0.15
N GLU A 208 0.08 -10.26 -1.43
CA GLU A 208 -1.05 -10.34 -2.36
C GLU A 208 -1.18 -11.71 -3.01
N PHE A 209 -0.42 -12.71 -2.55
CA PHE A 209 -0.44 -14.02 -3.21
C PHE A 209 -1.81 -14.67 -3.18
N ASP A 210 -2.68 -14.30 -2.23
CA ASP A 210 -3.98 -14.95 -2.10
C ASP A 210 -5.12 -13.98 -2.39
N GLN A 211 -4.86 -12.93 -3.17
CA GLN A 211 -5.87 -11.92 -3.47
C GLN A 211 -6.17 -11.85 -4.95
N LYS A 212 -7.37 -11.36 -5.27
CA LYS A 212 -7.82 -11.12 -6.65
C LYS A 212 -7.61 -9.66 -7.04
N CYS A 213 -7.39 -9.44 -8.34
CA CYS A 213 -7.16 -8.09 -8.84
C CYS A 213 -8.38 -7.20 -8.64
N TYR A 214 -9.57 -7.71 -8.97
CA TYR A 214 -10.81 -6.97 -8.88
C TYR A 214 -11.90 -7.87 -8.35
N GLU A 215 -12.97 -7.25 -7.85
CA GLU A 215 -14.08 -8.04 -7.33
C GLU A 215 -14.73 -8.89 -8.42
N ASP A 216 -14.81 -8.37 -9.65
CA ASP A 216 -15.47 -9.08 -10.75
C ASP A 216 -14.46 -9.71 -11.71
N ASP A 217 -13.35 -10.23 -11.19
CA ASP A 217 -12.33 -10.86 -12.02
C ASP A 217 -11.67 -11.93 -11.17
N SER A 218 -11.23 -13.01 -11.82
CA SER A 218 -10.58 -14.10 -11.11
C SER A 218 -9.06 -14.03 -11.15
N THR A 219 -8.49 -13.04 -11.82
CA THR A 219 -7.03 -12.95 -11.95
C THR A 219 -6.39 -12.77 -10.58
N ASN A 220 -5.37 -13.58 -10.30
CA ASN A 220 -4.64 -13.47 -9.04
C ASN A 220 -3.68 -12.30 -9.08
N ARG A 221 -3.61 -11.54 -7.96
CA ARG A 221 -2.81 -10.33 -7.94
C ARG A 221 -1.32 -10.61 -8.15
N MET A 222 -0.79 -11.65 -7.49
CA MET A 222 0.63 -11.93 -7.61
C MET A 222 0.97 -12.45 -9.00
N LYS A 223 0.10 -13.28 -9.58
CA LYS A 223 0.34 -13.72 -10.96
C LYS A 223 0.36 -12.55 -11.90
N GLU A 224 -0.52 -11.57 -11.69
CA GLU A 224 -0.53 -10.41 -12.57
C GLU A 224 0.71 -9.55 -12.35
N SER A 225 1.12 -9.38 -11.09
CA SER A 225 2.31 -8.59 -10.81
CA SER A 225 2.31 -8.60 -10.80
C SER A 225 3.56 -9.24 -11.39
N LEU A 226 3.67 -10.56 -11.30
CA LEU A 226 4.80 -11.25 -11.94
C LEU A 226 4.81 -11.02 -13.44
N SER A 227 3.64 -11.09 -14.08
CA SER A 227 3.55 -10.85 -15.52
C SER A 227 3.95 -9.41 -15.88
N LEU A 228 3.46 -8.44 -15.12
CA LEU A 228 3.79 -7.04 -15.38
C LEU A 228 5.26 -6.78 -15.12
N PHE A 229 5.82 -7.33 -14.04
CA PHE A 229 7.24 -7.15 -13.76
C PHE A 229 8.08 -7.74 -14.88
N GLY A 230 7.71 -8.93 -15.36
CA GLY A 230 8.43 -9.52 -16.49
C GLY A 230 8.43 -8.62 -17.71
N ASP A 231 7.28 -8.02 -18.02
CA ASP A 231 7.20 -7.12 -19.16
C ASP A 231 8.09 -5.90 -18.97
N TYR A 232 8.06 -5.34 -17.77
CA TYR A 232 8.82 -4.13 -17.47
C TYR A 232 10.32 -4.38 -17.52
N ILE A 233 10.79 -5.38 -16.77
CA ILE A 233 12.24 -5.55 -16.59
C ILE A 233 12.92 -5.97 -17.89
N ASN A 234 12.18 -6.60 -18.80
CA ASN A 234 12.76 -7.07 -20.05
C ASN A 234 12.58 -6.08 -21.21
N SER A 235 11.78 -5.02 -21.04
CA SER A 235 11.53 -4.12 -22.17
C SER A 235 12.11 -2.73 -22.00
N LYS A 236 12.29 -2.25 -20.78
CA LYS A 236 12.75 -0.88 -20.58
C LYS A 236 14.20 -0.71 -20.98
N TRP A 237 14.51 0.44 -21.57
CA TRP A 237 15.86 0.94 -21.67
C TRP A 237 16.13 1.69 -20.38
N PHE A 238 16.88 1.08 -19.49
CA PHE A 238 17.15 1.74 -18.24
C PHE A 238 18.28 2.75 -18.35
N ALA A 239 18.92 2.86 -19.52
CA ALA A 239 20.09 3.70 -19.70
C ALA A 239 21.07 3.41 -18.56
N ASP A 240 21.34 4.42 -17.72
CA ASP A 240 22.30 4.27 -16.63
C ASP A 240 21.63 4.00 -15.28
N THR A 241 20.34 3.68 -15.28
CA THR A 241 19.55 3.56 -14.05
C THR A 241 19.68 2.17 -13.44
N LEU A 242 19.89 2.11 -12.13
CA LEU A 242 19.93 0.84 -11.39
C LEU A 242 18.53 0.45 -10.97
N VAL A 243 18.19 -0.83 -11.05
CA VAL A 243 16.84 -1.29 -10.72
C VAL A 243 16.91 -2.28 -9.57
N TYR A 244 16.15 -1.99 -8.50
CA TYR A 244 16.01 -2.87 -7.35
C TYR A 244 14.57 -3.38 -7.26
N LEU A 245 14.41 -4.63 -6.84
CA LEU A 245 13.09 -5.19 -6.58
C LEU A 245 12.88 -5.20 -5.07
N LEU A 246 11.79 -4.56 -4.61
CA LEU A 246 11.44 -4.54 -3.19
C LEU A 246 10.16 -5.36 -3.01
N LEU A 247 10.26 -6.47 -2.29
CA LEU A 247 9.10 -7.30 -1.99
C LEU A 247 8.57 -6.83 -0.64
N ASN A 248 7.49 -6.06 -0.69
CA ASN A 248 6.98 -5.28 0.43
C ASN A 248 5.89 -6.05 1.16
N LYS A 249 5.46 -5.49 2.29
CA LYS A 249 4.44 -6.10 3.15
C LYS A 249 4.89 -7.46 3.68
N HIS A 250 6.19 -7.59 3.93
CA HIS A 250 6.76 -8.86 4.37
C HIS A 250 6.08 -9.37 5.64
N ASP A 251 5.92 -8.51 6.64
CA ASP A 251 5.36 -8.98 7.90
C ASP A 251 3.89 -9.40 7.75
N LEU A 252 3.12 -8.74 6.86
CA LEU A 252 1.75 -9.17 6.60
C LEU A 252 1.73 -10.53 5.90
N PHE A 253 2.63 -10.72 4.94
CA PHE A 253 2.81 -12.02 4.30
C PHE A 253 3.10 -13.09 5.34
N VAL A 254 4.02 -12.81 6.28
CA VAL A 254 4.35 -13.80 7.30
C VAL A 254 3.11 -14.18 8.11
N SER A 255 2.32 -13.18 8.51
CA SER A 255 1.11 -13.46 9.29
CA SER A 255 1.12 -13.47 9.29
CA SER A 255 1.11 -13.45 9.28
C SER A 255 0.13 -14.31 8.49
N LYS A 256 -0.05 -14.02 7.20
CA LYS A 256 -0.95 -14.81 6.37
C LYS A 256 -0.52 -16.27 6.32
N ILE A 257 0.79 -16.52 6.10
CA ILE A 257 1.30 -17.89 6.05
C ILE A 257 1.13 -18.57 7.41
N LYS A 258 1.53 -17.88 8.48
CA LYS A 258 1.38 -18.47 9.81
C LYS A 258 -0.08 -18.75 10.15
N ASN A 259 -1.01 -17.96 9.62
CA ASN A 259 -2.42 -18.13 9.95
C ASN A 259 -3.13 -19.14 9.06
N GLY A 260 -2.44 -19.77 8.13
CA GLY A 260 -2.99 -20.87 7.37
C GLY A 260 -3.36 -20.58 5.92
N SER A 261 -3.02 -19.42 5.37
CA SER A 261 -3.24 -19.18 3.95
C SER A 261 -2.08 -19.80 3.18
N ARG A 262 -2.38 -20.78 2.31
CA ARG A 262 -1.36 -21.64 1.74
C ARG A 262 -0.88 -21.10 0.39
N LEU A 263 0.44 -20.93 0.25
CA LEU A 263 0.96 -20.45 -1.03
C LEU A 263 0.59 -21.41 -2.16
N ALA A 264 0.58 -22.71 -1.88
CA ALA A 264 0.33 -23.72 -2.91
C ALA A 264 -1.09 -23.66 -3.46
N ASP A 265 -2.02 -23.01 -2.75
CA ASP A 265 -3.36 -22.83 -3.29
C ASP A 265 -3.39 -21.81 -4.42
N THR A 266 -2.37 -20.97 -4.54
CA THR A 266 -2.16 -20.10 -5.70
C THR A 266 -1.12 -20.64 -6.66
N PHE A 267 0.01 -21.13 -6.15
CA PHE A 267 1.12 -21.58 -6.99
C PHE A 267 1.34 -23.07 -6.76
N GLU A 268 0.78 -23.90 -7.63
CA GLU A 268 0.87 -25.35 -7.47
C GLU A 268 2.29 -25.85 -7.54
N GLU A 269 3.22 -25.08 -8.12
CA GLU A 269 4.62 -25.49 -8.16
C GLU A 269 5.33 -25.33 -6.83
N TYR A 270 4.76 -24.61 -5.86
CA TYR A 270 5.38 -24.51 -4.55
C TYR A 270 5.26 -25.83 -3.80
N LYS A 271 6.40 -26.46 -3.53
CA LYS A 271 6.47 -27.75 -2.87
C LYS A 271 7.11 -27.67 -1.49
N GLY A 272 7.31 -26.47 -0.97
CA GLY A 272 7.93 -26.30 0.33
C GLY A 272 6.97 -26.63 1.46
N PRO A 273 7.48 -26.52 2.68
CA PRO A 273 6.68 -26.87 3.85
C PRO A 273 5.51 -25.93 4.06
N GLU A 274 4.50 -26.44 4.77
CA GLU A 274 3.34 -25.66 5.18
C GLU A 274 3.70 -24.73 6.34
N ASN A 275 2.97 -23.61 6.41
CA ASN A 275 3.12 -22.62 7.49
C ASN A 275 4.58 -22.22 7.69
N ASP A 276 5.35 -22.15 6.59
CA ASP A 276 6.78 -21.82 6.62
C ASP A 276 6.98 -20.57 5.78
N PRO A 277 7.01 -19.38 6.41
CA PRO A 277 7.11 -18.15 5.61
C PRO A 277 8.42 -18.00 4.88
N ASP A 278 9.52 -18.50 5.44
CA ASP A 278 10.81 -18.31 4.80
C ASP A 278 10.92 -19.14 3.53
N ALA A 279 10.46 -20.39 3.57
CA ALA A 279 10.43 -21.20 2.37
C ALA A 279 9.53 -20.59 1.33
N ALA A 280 8.37 -20.08 1.75
CA ALA A 280 7.41 -19.51 0.81
C ALA A 280 7.94 -18.21 0.21
N LYS A 281 8.58 -17.35 1.01
CA LYS A 281 9.03 -16.09 0.43
C LYS A 281 10.23 -16.31 -0.49
N GLU A 282 11.04 -17.32 -0.21
CA GLU A 282 12.15 -17.61 -1.12
C GLU A 282 11.63 -18.09 -2.47
N PHE A 283 10.57 -18.89 -2.46
CA PHE A 283 9.94 -19.32 -3.71
C PHE A 283 9.41 -18.13 -4.50
N ILE A 284 8.79 -17.17 -3.81
CA ILE A 284 8.28 -15.98 -4.50
C ILE A 284 9.42 -15.15 -5.07
N LYS A 285 10.47 -14.93 -4.27
CA LYS A 285 11.63 -14.22 -4.77
C LYS A 285 12.22 -14.92 -6.00
N ASP A 286 12.26 -16.27 -5.99
CA ASP A 286 12.79 -16.99 -7.13
C ASP A 286 11.90 -16.81 -8.36
N MET A 287 10.57 -16.76 -8.17
CA MET A 287 9.70 -16.53 -9.31
C MET A 287 9.97 -15.17 -9.94
N TYR A 288 10.17 -14.14 -9.11
CA TYR A 288 10.49 -12.83 -9.65
C TYR A 288 11.84 -12.83 -10.36
N LYS A 289 12.85 -13.46 -9.76
CA LYS A 289 14.14 -13.47 -10.44
C LYS A 289 14.09 -14.24 -11.74
N GLU A 290 13.24 -15.27 -11.82
CA GLU A 290 13.10 -16.02 -13.06
C GLU A 290 12.56 -15.14 -14.19
N LYS A 291 11.70 -14.18 -13.85
CA LYS A 291 11.19 -13.23 -14.83
C LYS A 291 12.27 -12.31 -15.36
N ASP A 292 13.36 -12.13 -14.61
CA ASP A 292 14.43 -11.19 -14.93
C ASP A 292 15.48 -11.95 -15.75
N THR A 293 15.14 -12.20 -17.01
CA THR A 293 15.86 -13.17 -17.83
C THR A 293 17.32 -12.78 -18.03
N GLU A 294 17.60 -11.48 -18.22
CA GLU A 294 18.96 -11.02 -18.47
C GLU A 294 19.64 -10.51 -17.19
N ASN A 295 19.07 -10.79 -16.02
CA ASN A 295 19.65 -10.40 -14.74
C ASN A 295 19.93 -8.90 -14.68
N ARG A 296 18.90 -8.13 -15.02
CA ARG A 296 19.00 -6.68 -14.99
C ARG A 296 18.80 -6.11 -13.58
N LEU A 297 18.20 -6.86 -12.66
CA LEU A 297 18.06 -6.37 -11.30
C LEU A 297 19.42 -6.23 -10.63
N ARG A 298 19.59 -5.11 -9.93
CA ARG A 298 20.78 -4.94 -9.11
C ARG A 298 20.71 -5.83 -7.88
N ASP A 299 19.56 -5.85 -7.21
CA ASP A 299 19.39 -6.69 -6.03
C ASP A 299 17.89 -6.83 -5.74
N VAL A 300 17.55 -7.72 -4.80
CA VAL A 300 16.18 -7.94 -4.36
C VAL A 300 16.16 -7.86 -2.84
N PHE A 301 15.21 -7.10 -2.28
CA PHE A 301 15.12 -6.90 -0.84
C PHE A 301 13.70 -7.19 -0.37
N PHE A 302 13.59 -7.85 0.78
CA PHE A 302 12.31 -7.96 1.47
C PHE A 302 12.18 -6.77 2.39
N VAL A 303 10.97 -6.22 2.53
CA VAL A 303 10.77 -5.07 3.40
C VAL A 303 9.36 -5.04 3.94
N THR A 304 9.19 -4.40 5.10
CA THR A 304 7.86 -4.09 5.61
C THR A 304 7.85 -2.56 5.78
N ALA A 305 7.24 -1.88 4.80
CA ALA A 305 7.28 -0.42 4.81
C ALA A 305 6.60 0.17 6.04
N LEU A 306 5.61 -0.53 6.60
CA LEU A 306 4.95 -0.03 7.82
C LEU A 306 5.86 -0.11 9.03
N ASP A 307 6.96 -0.86 8.96
CA ASP A 307 7.95 -0.93 10.03
C ASP A 307 9.04 0.09 9.72
N LYS A 308 8.96 1.25 10.36
CA LYS A 308 9.86 2.34 9.97
C LYS A 308 11.32 1.96 10.18
N ALA A 309 11.63 1.25 11.28
CA ALA A 309 13.01 0.85 11.54
C ALA A 309 13.51 -0.13 10.49
N ASN A 310 12.66 -1.07 10.07
CA ASN A 310 13.06 -2.02 9.03
C ASN A 310 13.25 -1.31 7.69
N LEU A 311 12.34 -0.40 7.36
CA LEU A 311 12.44 0.31 6.10
C LEU A 311 13.72 1.14 6.06
N LYS A 312 14.03 1.83 7.16
CA LYS A 312 15.27 2.60 7.23
C LYS A 312 16.48 1.72 6.95
N GLU A 313 16.51 0.53 7.55
CA GLU A 313 17.64 -0.37 7.38
C GLU A 313 17.78 -0.81 5.93
N ARG A 314 16.67 -1.19 5.31
CA ARG A 314 16.71 -1.63 3.91
C ARG A 314 17.08 -0.49 2.99
N LEU A 315 16.58 0.72 3.27
CA LEU A 315 16.89 1.84 2.39
C LEU A 315 18.35 2.24 2.50
N GLU A 316 18.94 2.10 3.70
CA GLU A 316 20.36 2.35 3.87
C GLU A 316 21.19 1.33 3.09
N GLN A 317 20.74 0.06 3.06
CA GLN A 317 21.44 -0.92 2.24
C GLN A 317 21.36 -0.54 0.77
N ILE A 318 20.20 -0.10 0.32
CA ILE A 318 20.02 0.30 -1.07
C ILE A 318 20.89 1.51 -1.40
N THR A 319 20.83 2.54 -0.57
CA THR A 319 21.60 3.75 -0.92
C THR A 319 23.10 3.48 -0.84
N SER A 320 23.54 2.64 0.10
CA SER A 320 24.94 2.27 0.13
C SER A 320 25.33 1.55 -1.15
N ASP A 321 24.48 0.66 -1.63
CA ASP A 321 24.81 -0.06 -2.84
C ASP A 321 24.81 0.86 -4.06
N ILE A 322 23.87 1.82 -4.11
CA ILE A 322 23.88 2.80 -5.19
C ILE A 322 25.21 3.53 -5.21
N LEU A 323 25.68 3.97 -4.04
CA LEU A 323 26.95 4.68 -3.98
C LEU A 323 28.09 3.79 -4.41
N SER A 324 28.04 2.50 -4.06
CA SER A 324 29.14 1.62 -4.42
C SER A 324 29.25 1.39 -5.92
N ALA A 325 28.12 1.48 -6.63
CA ALA A 325 28.09 1.33 -8.08
C ALA A 325 28.43 2.62 -8.83
N GLU A 326 28.47 3.77 -8.13
CA GLU A 326 28.68 5.05 -8.80
C GLU A 326 30.00 5.06 -9.58
N ASN A 327 31.06 4.50 -9.00
CA ASN A 327 32.36 4.51 -9.66
C ASN A 327 32.64 3.24 -10.45
N ASP A 328 31.60 2.51 -10.87
CA ASP A 328 31.79 1.29 -11.65
C ASP A 328 32.31 1.62 -13.04
N LEU A 329 33.33 0.88 -13.46
CA LEU A 329 33.93 1.03 -14.77
C LEU A 329 33.61 -0.19 -15.61
NA NA B . 28.92 24.39 -5.46
NA NA C . 18.80 25.78 -11.14
C1 EDO D . -7.12 -2.56 -1.89
O1 EDO D . -6.38 -2.96 -3.06
C2 EDO D . -8.58 -2.96 -2.06
O2 EDO D . -8.66 -4.39 -2.17
C1 EDO E . -32.21 -10.28 10.69
O1 EDO E . -33.53 -9.74 10.81
C2 EDO E . -31.85 -11.06 11.95
O2 EDO E . -32.77 -12.15 12.11
C1 EDO F . -16.93 12.18 5.18
O1 EDO F . -17.73 13.00 6.05
C2 EDO F . -17.19 12.59 3.74
O2 EDO F . -18.58 12.48 3.45
C1 EDO G . -17.40 4.13 19.16
O1 EDO G . -18.77 3.92 19.58
C2 EDO G . -17.36 4.86 17.81
O2 EDO G . -16.60 6.07 17.90
C1 EDO H . -16.33 -13.02 -10.11
O1 EDO H . -17.09 -14.22 -10.32
C2 EDO H . -14.85 -13.32 -10.30
O2 EDO H . -14.65 -13.89 -11.60
C1 EDO I . 8.76 17.15 11.49
O1 EDO I . 8.27 16.03 10.73
C2 EDO I . 8.26 18.44 10.84
O2 EDO I . 6.83 18.34 10.64
C1 EDO J . -27.60 -5.08 4.45
O1 EDO J . -28.49 -4.72 3.38
C2 EDO J . -28.27 -6.13 5.33
O2 EDO J . -28.98 -7.06 4.52
#